data_9KGB
#
_entry.id   9KGB
#
_cell.length_a   49.155
_cell.length_b   55.770
_cell.length_c   57.660
_cell.angle_alpha   90.00
_cell.angle_beta   90.75
_cell.angle_gamma   90.00
#
_symmetry.space_group_name_H-M   'P 1 21 1'
#
loop_
_entity.id
_entity.type
_entity.pdbx_description
1 polymer 'terpene synthase'
2 non-polymer 'SULFATE ION'
3 water water
#
_entity_poly.entity_id   1
_entity_poly.type   'polypeptide(L)'
_entity_poly.pdbx_seq_one_letter_code
;MKHHHHHHHHGGLVPRGSHGGSEIKEGYFEQQQTLKNTATVNELSGIPAVDRAHVLQTALSIYPEVENWVAQFPVILPQR
MGGMCLGMVATAPYAQPSVLVEASIMALIAFAIDDITEDVLSMTLTVEQIEAMLTLCVKLVQSGGNSTYRDYPELIQVFP
TINESQPWVQLANALTKFCSEVQKFPAAAIYYSIFAKHFELYREAHCTELHWTQAVKEMGSYPTYEQYLLNSRKSIAAPL
VESSLLAMVGEPVDSEFSLKPPYANLETLIDEVLLICGSSIRLANDIRSFEREPQAYQPNSLLILMLTQGCSQKEAEAIL
LKEIDTYLQKIETLISLLPSSLSTWGDSARRMSWFACTWYQTRDFHNFNKQMLAALR
;
_entity_poly.pdbx_strand_id   A
#
loop_
_chem_comp.id
_chem_comp.type
_chem_comp.name
_chem_comp.formula
SO4 non-polymer 'SULFATE ION' 'O4 S -2'
#
# COMPACT_ATOMS: atom_id res chain seq x y z
N THR A 38 -17.14 -2.50 18.15
CA THR A 38 -17.30 -1.05 17.89
C THR A 38 -17.34 -0.70 16.38
N ALA A 39 -17.76 -1.62 15.50
CA ALA A 39 -18.19 -1.14 14.20
C ALA A 39 -19.13 0.05 14.41
N THR A 40 -19.11 0.98 13.46
CA THR A 40 -20.04 2.10 13.44
C THR A 40 -21.22 1.68 12.54
N VAL A 41 -22.34 2.43 12.64
CA VAL A 41 -23.47 2.30 11.75
C VAL A 41 -23.03 2.33 10.29
N ASN A 42 -22.22 3.36 9.95
CA ASN A 42 -21.73 3.51 8.57
C ASN A 42 -20.95 2.28 8.12
N GLU A 43 -20.12 1.70 9.00
CA GLU A 43 -19.31 0.56 8.60
C GLU A 43 -20.17 -0.69 8.44
N LEU A 44 -21.09 -0.89 9.39
CA LEU A 44 -22.03 -2.01 9.28
C LEU A 44 -22.80 -1.96 7.98
N SER A 45 -23.19 -0.78 7.58
CA SER A 45 -24.07 -0.66 6.43
C SER A 45 -23.29 -0.53 5.12
N GLY A 46 -22.00 -0.17 5.19
CA GLY A 46 -21.30 0.24 3.97
C GLY A 46 -20.29 -0.81 3.48
N ILE A 47 -20.05 -1.87 4.26
CA ILE A 47 -18.98 -2.79 3.87
C ILE A 47 -19.32 -3.42 2.51
N PRO A 48 -18.42 -3.31 1.51
CA PRO A 48 -18.74 -3.82 0.17
C PRO A 48 -18.92 -5.33 0.21
N ALA A 49 -19.66 -5.79 -0.77
CA ALA A 49 -20.00 -7.21 -0.85
C ALA A 49 -18.88 -7.98 -1.54
N VAL A 50 -18.85 -9.28 -1.25
CA VAL A 50 -17.88 -10.18 -1.84
C VAL A 50 -18.64 -11.46 -2.17
N ASP A 51 -18.50 -11.91 -3.42
CA ASP A 51 -18.92 -13.24 -3.86
C ASP A 51 -17.76 -14.18 -3.61
N ARG A 52 -17.81 -14.85 -2.47
CA ARG A 52 -16.68 -15.60 -1.96
C ARG A 52 -16.25 -16.75 -2.88
N ALA A 53 -17.22 -17.57 -3.34
CA ALA A 53 -16.99 -18.56 -4.37
C ALA A 53 -16.24 -17.96 -5.56
N HIS A 54 -16.70 -16.84 -6.14
CA HIS A 54 -16.04 -16.34 -7.33
C HIS A 54 -14.63 -15.85 -6.98
N VAL A 55 -14.50 -15.24 -5.80
CA VAL A 55 -13.24 -14.60 -5.39
C VAL A 55 -12.23 -15.71 -5.09
N LEU A 56 -12.67 -16.72 -4.34
CA LEU A 56 -11.85 -17.91 -4.09
C LEU A 56 -11.44 -18.65 -5.35
N GLN A 57 -12.35 -18.93 -6.27
CA GLN A 57 -11.99 -19.54 -7.52
C GLN A 57 -10.93 -18.72 -8.28
N THR A 58 -11.11 -17.39 -8.35
CA THR A 58 -10.15 -16.59 -9.09
C THR A 58 -8.81 -16.52 -8.34
N ALA A 59 -8.79 -16.36 -7.00
CA ALA A 59 -7.54 -16.36 -6.20
C ALA A 59 -6.76 -17.66 -6.39
N LEU A 60 -7.47 -18.80 -6.30
CA LEU A 60 -6.81 -20.05 -6.63
C LEU A 60 -6.27 -20.06 -8.03
N SER A 61 -6.93 -19.46 -8.98
CA SER A 61 -6.45 -19.57 -10.33
C SER A 61 -5.15 -18.73 -10.55
N ILE A 62 -5.00 -17.63 -9.87
CA ILE A 62 -3.85 -16.75 -10.11
C ILE A 62 -2.66 -17.17 -9.23
N TYR A 63 -2.96 -17.87 -8.14
CA TYR A 63 -1.97 -18.22 -7.15
C TYR A 63 -0.73 -18.87 -7.76
N PRO A 64 -0.83 -19.89 -8.65
CA PRO A 64 0.39 -20.52 -9.13
C PRO A 64 1.28 -19.50 -9.86
N GLU A 65 0.65 -18.55 -10.58
CA GLU A 65 1.34 -17.52 -11.35
C GLU A 65 2.13 -16.59 -10.45
N VAL A 66 1.50 -16.12 -9.37
CA VAL A 66 2.18 -15.29 -8.36
C VAL A 66 3.25 -16.11 -7.66
N GLU A 67 2.94 -17.37 -7.32
CA GLU A 67 3.95 -18.23 -6.70
C GLU A 67 5.22 -18.37 -7.54
N ASN A 68 5.07 -18.57 -8.84
CA ASN A 68 6.24 -18.79 -9.69
C ASN A 68 7.01 -17.49 -9.89
N TRP A 69 6.26 -16.39 -9.78
CA TRP A 69 6.91 -15.07 -9.88
C TRP A 69 7.78 -14.87 -8.65
N VAL A 70 7.19 -14.96 -7.47
CA VAL A 70 7.86 -14.58 -6.24
C VAL A 70 8.91 -15.60 -5.85
N ALA A 71 8.84 -16.80 -6.44
CA ALA A 71 9.88 -17.78 -6.20
C ALA A 71 11.24 -17.28 -6.67
N GLN A 72 11.30 -16.36 -7.60
CA GLN A 72 12.58 -15.89 -8.12
C GLN A 72 13.32 -15.01 -7.10
N PHE A 73 12.64 -14.56 -6.03
CA PHE A 73 13.13 -13.54 -5.12
C PHE A 73 12.84 -14.03 -3.72
N PRO A 74 13.36 -15.22 -3.36
CA PRO A 74 12.88 -15.92 -2.17
C PRO A 74 13.35 -15.28 -0.89
N VAL A 75 14.45 -14.53 -0.95
CA VAL A 75 15.10 -14.05 0.27
C VAL A 75 14.25 -12.92 0.88
N ILE A 76 13.48 -12.20 0.06
CA ILE A 76 12.88 -10.96 0.48
C ILE A 76 11.35 -10.98 0.29
N LEU A 77 10.83 -11.74 -0.67
CA LEU A 77 9.39 -11.74 -0.90
C LEU A 77 8.72 -12.84 -0.07
N PRO A 78 7.54 -12.54 0.52
CA PRO A 78 6.79 -13.57 1.25
C PRO A 78 6.44 -14.71 0.29
N GLN A 79 6.73 -15.95 0.69
CA GLN A 79 6.51 -17.10 -0.17
C GLN A 79 5.14 -17.71 0.16
N ARG A 80 4.58 -17.33 1.30
CA ARG A 80 3.16 -17.55 1.52
C ARG A 80 2.38 -16.28 1.15
N MET A 81 1.48 -16.41 0.17
CA MET A 81 0.85 -15.25 -0.42
C MET A 81 -0.61 -15.57 -0.71
N GLY A 82 -1.13 -16.69 -0.18
CA GLY A 82 -2.52 -17.09 -0.35
C GLY A 82 -3.51 -15.98 0.04
N GLY A 83 -3.44 -15.54 1.30
CA GLY A 83 -4.32 -14.51 1.80
C GLY A 83 -4.13 -13.19 1.03
N MET A 84 -2.91 -12.95 0.60
CA MET A 84 -2.65 -11.73 -0.20
C MET A 84 -3.40 -11.78 -1.53
N CYS A 85 -3.27 -12.90 -2.25
CA CYS A 85 -3.98 -13.07 -3.51
C CYS A 85 -5.50 -12.91 -3.23
N LEU A 86 -5.98 -13.55 -2.15
CA LEU A 86 -7.39 -13.63 -1.90
C LEU A 86 -7.93 -12.23 -1.67
N GLY A 87 -7.20 -11.48 -0.85
CA GLY A 87 -7.53 -10.09 -0.61
C GLY A 87 -7.47 -9.26 -1.87
N MET A 88 -6.43 -9.42 -2.73
CA MET A 88 -6.35 -8.62 -3.94
C MET A 88 -7.52 -8.94 -4.85
N VAL A 89 -7.97 -10.22 -4.93
CA VAL A 89 -9.13 -10.49 -5.77
C VAL A 89 -10.40 -9.88 -5.17
N ALA A 90 -10.51 -9.91 -3.84
CA ALA A 90 -11.72 -9.39 -3.18
C ALA A 90 -11.79 -7.89 -3.50
N THR A 91 -10.60 -7.25 -3.54
CA THR A 91 -10.49 -5.83 -3.85
C THR A 91 -10.90 -5.49 -5.28
N ALA A 92 -10.54 -6.33 -6.28
CA ALA A 92 -10.80 -6.00 -7.68
C ALA A 92 -11.38 -7.21 -8.40
N PRO A 93 -12.57 -7.62 -7.97
CA PRO A 93 -13.00 -8.98 -8.32
C PRO A 93 -13.33 -9.33 -9.77
N TYR A 94 -13.50 -8.34 -10.62
CA TYR A 94 -13.75 -8.59 -12.02
C TYR A 94 -12.66 -7.93 -12.87
N ALA A 95 -11.50 -7.68 -12.27
CA ALA A 95 -10.33 -7.41 -13.09
C ALA A 95 -9.89 -8.70 -13.79
N GLN A 96 -9.21 -8.52 -14.91
CA GLN A 96 -8.56 -9.54 -15.67
C GLN A 96 -7.49 -10.20 -14.84
N PRO A 97 -7.28 -11.50 -15.00
CA PRO A 97 -6.20 -12.13 -14.23
C PRO A 97 -4.82 -11.46 -14.31
N SER A 98 -4.45 -10.94 -15.49
CA SER A 98 -3.11 -10.36 -15.63
C SER A 98 -2.94 -9.27 -14.57
N VAL A 99 -4.02 -8.54 -14.35
CA VAL A 99 -4.05 -7.38 -13.47
C VAL A 99 -3.96 -7.88 -12.04
N LEU A 100 -4.74 -8.93 -11.71
CA LEU A 100 -4.73 -9.45 -10.36
C LEU A 100 -3.35 -10.02 -10.03
N VAL A 101 -2.69 -10.68 -10.98
CA VAL A 101 -1.36 -11.21 -10.73
C VAL A 101 -0.41 -10.04 -10.44
N GLU A 102 -0.44 -9.04 -11.30
CA GLU A 102 0.53 -7.96 -11.18
C GLU A 102 0.34 -7.20 -9.88
N ALA A 103 -0.91 -6.83 -9.58
CA ALA A 103 -1.26 -6.09 -8.37
C ALA A 103 -0.88 -6.90 -7.12
N SER A 104 -1.09 -8.25 -7.12
CA SER A 104 -0.69 -9.10 -5.99
C SER A 104 0.81 -9.04 -5.79
N ILE A 105 1.52 -9.10 -6.90
CA ILE A 105 2.97 -8.95 -6.85
C ILE A 105 3.36 -7.61 -6.27
N MET A 106 2.76 -6.51 -6.71
CA MET A 106 3.11 -5.21 -6.13
C MET A 106 2.84 -5.22 -4.63
N ALA A 107 1.72 -5.86 -4.18
CA ALA A 107 1.43 -5.84 -2.75
C ALA A 107 2.52 -6.55 -1.94
N LEU A 108 3.04 -7.64 -2.50
CA LEU A 108 4.10 -8.42 -1.86
C LEU A 108 5.39 -7.61 -1.81
N ILE A 109 5.68 -6.90 -2.90
CA ILE A 109 6.85 -6.06 -2.96
C ILE A 109 6.77 -4.96 -1.93
N ALA A 110 5.61 -4.29 -1.80
CA ALA A 110 5.44 -3.24 -0.83
C ALA A 110 5.51 -3.80 0.60
N PHE A 111 4.97 -5.01 0.86
CA PHE A 111 5.09 -5.65 2.15
C PHE A 111 6.57 -5.83 2.50
N ALA A 112 7.36 -6.25 1.52
CA ALA A 112 8.79 -6.51 1.69
C ALA A 112 9.56 -5.22 1.90
N ILE A 113 9.19 -4.13 1.22
CA ILE A 113 9.81 -2.83 1.45
C ILE A 113 9.48 -2.34 2.89
N ASP A 114 8.21 -2.44 3.27
CA ASP A 114 7.82 -2.10 4.65
C ASP A 114 8.66 -2.91 5.61
N ASP A 115 8.89 -4.21 5.28
CA ASP A 115 9.61 -5.13 6.15
C ASP A 115 11.06 -4.68 6.34
N ILE A 116 11.71 -4.39 5.22
CA ILE A 116 13.15 -4.18 5.19
C ILE A 116 13.43 -2.75 5.61
N THR A 117 12.39 -1.88 5.77
CA THR A 117 12.59 -0.51 6.22
C THR A 117 12.18 -0.30 7.68
N GLU A 118 11.31 -1.16 8.24
CA GLU A 118 11.00 -1.20 9.67
C GLU A 118 10.95 -2.65 10.17
N ASP A 119 12.12 -3.22 10.53
CA ASP A 119 12.31 -4.59 11.03
C ASP A 119 13.60 -5.17 10.42
N THR A 124 19.13 -5.38 10.87
CA THR A 124 20.32 -5.67 10.04
C THR A 124 20.84 -4.38 9.37
N LEU A 125 19.93 -3.47 8.93
CA LEU A 125 20.33 -2.30 8.15
C LEU A 125 20.35 -1.03 8.99
N THR A 126 21.31 -0.14 8.67
CA THR A 126 21.39 1.20 9.18
C THR A 126 20.37 2.12 8.51
N VAL A 127 20.17 3.27 9.14
CA VAL A 127 19.29 4.31 8.61
C VAL A 127 19.80 4.79 7.27
N GLU A 128 21.12 4.99 7.14
CA GLU A 128 21.71 5.36 5.86
C GLU A 128 21.40 4.33 4.75
N GLN A 129 21.47 3.05 5.12
CA GLN A 129 21.24 1.95 4.18
C GLN A 129 19.76 1.85 3.82
N ILE A 130 18.91 2.17 4.77
CA ILE A 130 17.50 2.20 4.49
C ILE A 130 17.12 3.32 3.54
N GLU A 131 17.67 4.51 3.75
CA GLU A 131 17.53 5.66 2.91
C GLU A 131 18.05 5.36 1.51
N ALA A 132 19.23 4.76 1.44
CA ALA A 132 19.77 4.34 0.15
C ALA A 132 18.85 3.36 -0.62
N MET A 133 18.32 2.37 0.06
CA MET A 133 17.47 1.39 -0.55
C MET A 133 16.21 2.10 -1.09
N LEU A 134 15.60 2.98 -0.26
CA LEU A 134 14.40 3.72 -0.68
C LEU A 134 14.66 4.59 -1.90
N THR A 135 15.78 5.32 -1.92
CA THR A 135 16.14 6.14 -3.11
C THR A 135 16.26 5.25 -4.35
N LEU A 136 17.01 4.17 -4.17
CA LEU A 136 17.17 3.19 -5.25
C LEU A 136 15.83 2.74 -5.80
N CYS A 137 14.89 2.35 -4.91
CA CYS A 137 13.58 1.88 -5.35
C CYS A 137 12.97 2.95 -6.25
N VAL A 138 12.99 4.24 -5.81
CA VAL A 138 12.36 5.24 -6.62
C VAL A 138 13.01 5.34 -7.99
N LYS A 139 14.36 5.46 -8.01
CA LYS A 139 15.04 5.48 -9.30
C LYS A 139 14.69 4.30 -10.24
N LEU A 140 14.59 3.09 -9.72
CA LEU A 140 14.25 1.93 -10.51
C LEU A 140 12.85 2.16 -11.10
N VAL A 141 11.88 2.61 -10.27
CA VAL A 141 10.51 2.94 -10.69
C VAL A 141 10.46 4.02 -11.78
N GLN A 142 11.21 5.09 -11.60
CA GLN A 142 11.26 6.23 -12.52
C GLN A 142 11.82 5.79 -13.86
N SER A 143 12.70 4.77 -13.85
CA SER A 143 13.26 4.25 -15.09
C SER A 143 12.33 3.32 -15.84
N GLY A 144 11.21 2.91 -15.24
CA GLY A 144 10.25 2.05 -15.95
C GLY A 144 10.76 0.67 -16.25
N GLY A 145 11.72 0.19 -15.45
CA GLY A 145 12.27 -1.11 -15.79
C GLY A 145 13.55 -1.05 -16.62
N ASN A 146 13.93 0.13 -17.09
CA ASN A 146 15.09 0.23 -17.96
C ASN A 146 16.39 0.30 -17.16
N SER A 147 16.33 0.45 -15.85
CA SER A 147 17.57 0.45 -15.05
C SER A 147 17.58 -0.69 -14.05
N THR A 148 18.78 -1.09 -13.56
CA THR A 148 18.97 -2.03 -12.50
C THR A 148 19.79 -1.41 -11.38
N TYR A 149 19.89 -2.11 -10.27
CA TYR A 149 20.60 -1.58 -9.11
C TYR A 149 22.06 -1.25 -9.46
N ARG A 150 22.62 -1.99 -10.42
CA ARG A 150 24.02 -1.72 -10.83
C ARG A 150 24.19 -0.38 -11.52
N ASP A 151 23.10 0.28 -11.91
CA ASP A 151 23.22 1.62 -12.47
C ASP A 151 23.43 2.71 -11.42
N TYR A 152 23.36 2.40 -10.12
CA TYR A 152 23.36 3.38 -9.06
C TYR A 152 24.44 3.09 -8.03
N PRO A 153 25.72 2.92 -8.45
CA PRO A 153 26.72 2.55 -7.48
C PRO A 153 26.84 3.55 -6.37
N GLU A 154 26.54 4.82 -6.69
CA GLU A 154 26.62 5.92 -5.73
C GLU A 154 25.64 5.72 -4.58
N LEU A 155 24.57 4.95 -4.78
CA LEU A 155 23.65 4.66 -3.72
C LEU A 155 24.09 3.40 -3.02
N ILE A 156 24.61 2.39 -3.75
CA ILE A 156 24.72 1.04 -3.18
C ILE A 156 26.13 0.89 -2.55
N GLN A 157 26.94 1.96 -2.57
CA GLN A 157 28.29 1.88 -1.97
C GLN A 157 28.23 1.64 -0.45
N VAL A 158 27.08 1.94 0.19
CA VAL A 158 26.95 1.81 1.65
C VAL A 158 26.67 0.38 2.11
N PHE A 159 26.38 -0.54 1.20
CA PHE A 159 26.12 -1.94 1.54
C PHE A 159 27.42 -2.73 1.62
N PRO A 160 27.55 -3.67 2.59
CA PRO A 160 28.76 -4.47 2.72
C PRO A 160 28.93 -5.56 1.65
N THR A 161 27.86 -5.95 0.94
CA THR A 161 27.98 -6.79 -0.25
C THR A 161 26.80 -6.52 -1.20
N ILE A 162 27.00 -6.75 -2.52
CA ILE A 162 25.93 -6.67 -3.50
C ILE A 162 25.68 -8.04 -4.16
N ASN A 163 25.83 -9.16 -3.46
CA ASN A 163 25.62 -10.45 -4.13
C ASN A 163 24.12 -10.78 -4.31
N GLU A 164 23.81 -11.77 -5.15
CA GLU A 164 22.42 -11.92 -5.55
C GLU A 164 21.70 -12.68 -4.42
N SER A 165 22.34 -13.01 -3.30
CA SER A 165 21.57 -13.50 -2.15
C SER A 165 21.04 -12.38 -1.26
N GLN A 166 21.48 -11.13 -1.46
CA GLN A 166 21.15 -10.09 -0.50
C GLN A 166 19.66 -9.69 -0.61
N PRO A 167 18.93 -9.50 0.50
CA PRO A 167 17.50 -9.11 0.43
C PRO A 167 17.22 -7.85 -0.37
N TRP A 168 18.05 -6.84 -0.20
CA TRP A 168 17.84 -5.61 -0.91
C TRP A 168 18.19 -5.71 -2.39
N VAL A 169 19.13 -6.59 -2.77
CA VAL A 169 19.38 -6.82 -4.17
C VAL A 169 18.13 -7.44 -4.79
N GLN A 170 17.66 -8.48 -4.15
CA GLN A 170 16.49 -9.18 -4.62
C GLN A 170 15.30 -8.25 -4.75
N LEU A 171 15.10 -7.36 -3.77
CA LEU A 171 14.02 -6.39 -3.83
C LEU A 171 14.13 -5.47 -5.05
N ALA A 172 15.36 -4.97 -5.28
CA ALA A 172 15.68 -4.16 -6.41
C ALA A 172 15.33 -4.87 -7.70
N ASN A 173 15.81 -6.11 -7.86
CA ASN A 173 15.54 -6.88 -9.05
C ASN A 173 14.02 -7.14 -9.21
N ALA A 174 13.31 -7.39 -8.11
CA ALA A 174 11.88 -7.60 -8.23
C ALA A 174 11.21 -6.35 -8.75
N LEU A 175 11.66 -5.19 -8.25
CA LEU A 175 11.06 -3.96 -8.72
C LEU A 175 11.36 -3.64 -10.20
N THR A 176 12.60 -3.86 -10.65
CA THR A 176 12.96 -3.77 -12.04
C THR A 176 11.98 -4.62 -12.85
N LYS A 177 11.86 -5.88 -12.42
CA LYS A 177 11.05 -6.81 -13.20
C LYS A 177 9.60 -6.31 -13.30
N PHE A 178 9.03 -5.98 -12.15
CA PHE A 178 7.64 -5.53 -12.06
C PHE A 178 7.41 -4.28 -12.91
N CYS A 179 8.31 -3.27 -12.79
CA CYS A 179 8.18 -2.04 -13.55
C CYS A 179 8.20 -2.38 -15.03
N SER A 180 9.11 -3.26 -15.49
CA SER A 180 9.16 -3.58 -16.92
C SER A 180 7.82 -4.19 -17.36
N GLU A 181 7.24 -5.07 -16.52
CA GLU A 181 5.96 -5.72 -16.83
C GLU A 181 4.81 -4.75 -16.87
N VAL A 182 4.77 -3.79 -15.92
CA VAL A 182 3.72 -2.79 -15.97
C VAL A 182 3.73 -1.97 -17.25
N GLN A 183 4.95 -1.65 -17.73
CA GLN A 183 5.12 -0.86 -18.94
C GLN A 183 4.40 -1.51 -20.12
N LYS A 184 4.16 -2.84 -20.10
CA LYS A 184 3.47 -3.54 -21.18
C LYS A 184 1.94 -3.37 -21.12
N PHE A 185 1.38 -2.76 -20.06
CA PHE A 185 -0.06 -2.61 -19.89
C PHE A 185 -0.44 -1.36 -20.67
N PRO A 186 -1.48 -1.38 -21.56
CA PRO A 186 -1.81 -0.15 -22.26
C PRO A 186 -2.04 1.11 -21.41
N ALA A 187 -2.61 0.90 -20.23
CA ALA A 187 -2.92 1.97 -19.29
C ALA A 187 -1.65 2.66 -18.82
N ALA A 188 -0.49 2.02 -19.01
CA ALA A 188 0.76 2.54 -18.43
C ALA A 188 1.20 3.78 -19.18
N ALA A 189 0.91 3.85 -20.50
CA ALA A 189 1.29 5.06 -21.23
C ALA A 189 0.59 6.30 -20.71
N ILE A 190 -0.57 6.24 -20.09
CA ILE A 190 -1.19 7.40 -19.52
C ILE A 190 -0.91 7.51 -18.03
N TYR A 191 -0.86 6.38 -17.28
CA TYR A 191 -0.98 6.49 -15.82
C TYR A 191 0.26 6.09 -15.02
N TYR A 192 1.31 5.62 -15.69
CA TYR A 192 2.49 5.16 -14.99
C TYR A 192 3.04 6.26 -14.11
N SER A 193 3.04 7.47 -14.62
CA SER A 193 3.57 8.62 -13.88
C SER A 193 2.94 8.80 -12.50
N ILE A 194 1.65 8.50 -12.35
CA ILE A 194 0.98 8.49 -11.08
C ILE A 194 1.63 7.55 -10.09
N PHE A 195 1.79 6.28 -10.54
CA PHE A 195 2.55 5.30 -9.77
C PHE A 195 3.95 5.79 -9.36
N ALA A 196 4.72 6.33 -10.34
CA ALA A 196 6.08 6.78 -10.05
C ALA A 196 6.07 7.92 -9.00
N LYS A 197 5.15 8.87 -9.17
CA LYS A 197 5.01 10.01 -8.25
C LYS A 197 4.63 9.55 -6.85
N HIS A 198 3.65 8.62 -6.74
N HIS A 198 3.64 8.63 -6.79
CA HIS A 198 3.28 8.11 -5.43
CA HIS A 198 3.24 8.07 -5.51
C HIS A 198 4.37 7.25 -4.81
C HIS A 198 4.39 7.33 -4.84
N PHE A 199 5.22 6.64 -5.62
CA PHE A 199 6.36 5.90 -5.08
C PHE A 199 7.35 6.86 -4.41
N GLU A 200 7.60 8.01 -5.04
CA GLU A 200 8.37 9.10 -4.49
C GLU A 200 7.75 9.65 -3.20
N LEU A 201 6.45 9.83 -3.17
CA LEU A 201 5.85 10.25 -1.91
C LEU A 201 6.00 9.20 -0.80
N TYR A 202 5.85 7.90 -1.14
CA TYR A 202 6.12 6.82 -0.21
C TYR A 202 7.53 6.78 0.34
N ARG A 203 8.54 7.05 -0.50
CA ARG A 203 9.90 7.20 -0.04
C ARG A 203 10.06 8.38 0.94
N GLU A 204 9.55 9.53 0.51
CA GLU A 204 9.58 10.77 1.30
C GLU A 204 8.98 10.54 2.69
N ALA A 205 7.81 9.87 2.74
CA ALA A 205 7.11 9.60 3.97
C ALA A 205 7.89 8.65 4.90
N HIS A 206 8.51 7.64 4.30
CA HIS A 206 9.44 6.77 5.03
C HIS A 206 10.64 7.52 5.57
N CYS A 207 11.30 8.35 4.73
CA CYS A 207 12.39 9.19 5.20
C CYS A 207 11.99 10.08 6.37
N THR A 208 10.86 10.78 6.25
CA THR A 208 10.41 11.64 7.35
C THR A 208 10.23 10.79 8.61
N GLU A 209 9.64 9.61 8.49
CA GLU A 209 9.43 8.78 9.66
C GLU A 209 10.75 8.37 10.34
N LEU A 210 11.78 8.06 9.57
CA LEU A 210 13.10 7.82 10.16
C LEU A 210 13.63 9.05 10.88
N HIS A 211 13.45 10.24 10.29
CA HIS A 211 13.88 11.48 10.91
C HIS A 211 13.11 11.71 12.21
N TRP A 212 11.79 11.45 12.20
CA TRP A 212 11.03 11.57 13.44
C TRP A 212 11.51 10.52 14.45
N THR A 213 11.91 9.34 14.00
CA THR A 213 12.21 8.32 15.03
C THR A 213 13.52 8.66 15.74
N GLN A 214 14.52 8.94 14.89
CA GLN A 214 15.77 9.50 15.38
C GLN A 214 15.53 10.62 16.39
N ALA A 215 14.63 11.57 16.08
CA ALA A 215 14.41 12.68 16.98
C ALA A 215 13.82 12.18 18.33
N VAL A 216 12.94 11.16 18.27
CA VAL A 216 12.37 10.58 19.50
C VAL A 216 13.49 10.04 20.40
N LYS A 217 14.46 9.33 19.81
CA LYS A 217 15.56 8.75 20.56
C LYS A 217 16.42 9.84 21.18
N GLU A 218 16.67 10.92 20.43
CA GLU A 218 17.54 11.99 20.89
C GLU A 218 16.82 12.95 21.83
N MET A 219 15.52 13.18 21.61
CA MET A 219 14.86 14.34 22.13
C MET A 219 13.62 13.96 22.92
N GLY A 220 13.13 12.73 22.72
CA GLY A 220 11.87 12.32 23.32
C GLY A 220 10.63 12.99 22.69
N SER A 221 10.75 13.84 21.63
CA SER A 221 9.58 14.59 21.14
C SER A 221 8.96 13.96 19.88
N TYR A 222 7.66 14.22 19.66
CA TYR A 222 6.88 13.59 18.59
C TYR A 222 6.25 14.61 17.64
N PRO A 223 5.91 14.22 16.39
CA PRO A 223 5.01 15.04 15.59
C PRO A 223 3.64 14.97 16.28
N THR A 224 2.86 16.00 15.98
CA THR A 224 1.44 16.01 16.31
C THR A 224 0.74 14.94 15.48
N TYR A 225 -0.41 14.48 15.98
CA TYR A 225 -1.28 13.58 15.24
C TYR A 225 -1.44 14.08 13.80
N GLU A 226 -1.81 15.37 13.61
CA GLU A 226 -2.11 15.89 12.27
C GLU A 226 -0.86 15.81 11.36
N GLN A 227 0.29 16.22 11.85
CA GLN A 227 1.55 16.14 11.09
C GLN A 227 1.87 14.69 10.71
N TYR A 228 1.75 13.83 11.71
CA TYR A 228 1.93 12.40 11.52
C TYR A 228 1.08 11.82 10.40
N LEU A 229 -0.25 12.04 10.44
CA LEU A 229 -1.12 11.40 9.50
C LEU A 229 -0.88 11.97 8.11
N LEU A 230 -0.58 13.27 8.04
CA LEU A 230 -0.42 13.89 6.75
C LEU A 230 0.75 13.17 6.00
N ASN A 231 1.83 12.89 6.75
CA ASN A 231 3.00 12.19 6.22
C ASN A 231 2.65 10.72 5.97
N SER A 232 2.16 10.05 7.02
CA SER A 232 2.23 8.60 7.11
C SER A 232 1.02 7.88 6.45
N ARG A 233 -0.01 8.64 6.03
CA ARG A 233 -0.96 8.15 5.05
C ARG A 233 -0.30 7.64 3.77
N LYS A 234 0.90 8.11 3.47
CA LYS A 234 1.57 7.82 2.21
C LYS A 234 2.61 6.69 2.31
N SER A 235 3.01 6.29 3.53
CA SER A 235 4.10 5.32 3.71
C SER A 235 3.64 3.86 3.91
N ILE A 236 2.45 3.54 3.49
CA ILE A 236 1.97 2.18 3.57
C ILE A 236 1.76 1.62 2.19
N ALA A 237 1.55 0.30 2.08
CA ALA A 237 1.55 -0.38 0.80
C ALA A 237 0.37 0.08 -0.09
N ALA A 238 -0.83 0.22 0.52
CA ALA A 238 -2.09 0.20 -0.20
C ALA A 238 -2.16 1.27 -1.27
N PRO A 239 -1.86 2.52 -0.90
CA PRO A 239 -1.40 3.52 -1.84
C PRO A 239 -0.62 3.17 -3.09
N LEU A 240 0.54 2.50 -2.88
CA LEU A 240 1.39 2.07 -3.95
C LEU A 240 0.56 1.13 -4.81
N VAL A 241 -0.08 0.15 -4.16
CA VAL A 241 -0.73 -0.89 -4.96
C VAL A 241 -1.81 -0.27 -5.84
N GLU A 242 -2.63 0.62 -5.27
CA GLU A 242 -3.74 1.24 -6.02
C GLU A 242 -3.20 2.15 -7.12
N SER A 243 -2.06 2.82 -6.87
CA SER A 243 -1.49 3.60 -7.96
C SER A 243 -1.01 2.67 -9.07
N SER A 244 -0.38 1.54 -8.67
CA SER A 244 0.05 0.63 -9.72
C SER A 244 -1.17 0.09 -10.48
N LEU A 245 -2.28 -0.12 -9.74
CA LEU A 245 -3.50 -0.64 -10.39
C LEU A 245 -4.01 0.33 -11.44
N LEU A 246 -3.87 1.61 -11.21
CA LEU A 246 -4.27 2.62 -12.17
C LEU A 246 -3.47 2.54 -13.47
N ALA A 247 -2.21 2.27 -13.35
CA ALA A 247 -1.34 2.04 -14.48
C ALA A 247 -1.60 0.69 -15.22
N MET A 248 -2.49 -0.15 -14.66
CA MET A 248 -2.89 -1.40 -15.27
C MET A 248 -4.28 -1.30 -15.87
N VAL A 249 -5.20 -0.56 -15.25
CA VAL A 249 -6.63 -0.62 -15.63
C VAL A 249 -7.16 0.73 -16.09
N GLY A 250 -6.41 1.82 -15.79
CA GLY A 250 -7.04 3.09 -16.03
C GLY A 250 -7.25 3.30 -17.54
N GLU A 251 -8.40 3.84 -17.90
CA GLU A 251 -8.68 4.20 -19.29
C GLU A 251 -8.47 5.70 -19.55
N PRO A 252 -8.27 6.10 -20.83
CA PRO A 252 -8.09 7.50 -21.24
C PRO A 252 -9.28 8.35 -20.80
N VAL A 253 -8.98 9.54 -20.28
CA VAL A 253 -9.98 10.52 -19.91
C VAL A 253 -9.64 11.76 -20.74
N ASP A 254 -10.68 12.32 -21.35
CA ASP A 254 -10.59 13.63 -21.98
C ASP A 254 -10.75 14.64 -20.85
N SER A 255 -9.61 15.01 -20.24
CA SER A 255 -9.61 15.80 -19.02
C SER A 255 -10.22 17.13 -19.33
N GLU A 256 -9.80 17.68 -20.48
CA GLU A 256 -10.31 18.94 -20.97
C GLU A 256 -11.82 18.98 -20.76
N PHE A 257 -12.54 17.99 -21.33
CA PHE A 257 -13.98 18.13 -21.58
C PHE A 257 -14.78 17.25 -20.64
N SER A 258 -14.11 16.29 -20.01
CA SER A 258 -14.80 15.34 -19.16
C SER A 258 -14.79 15.73 -17.67
N LEU A 259 -13.77 16.46 -17.20
CA LEU A 259 -13.70 16.82 -15.79
C LEU A 259 -14.85 17.76 -15.41
N LYS A 260 -15.47 17.54 -14.23
CA LYS A 260 -16.56 18.38 -13.73
C LYS A 260 -16.17 19.08 -12.42
N PRO A 261 -16.73 20.28 -12.14
CA PRO A 261 -16.51 20.94 -10.87
C PRO A 261 -16.88 19.94 -9.79
N PRO A 262 -16.14 19.88 -8.67
CA PRO A 262 -15.10 20.86 -8.27
C PRO A 262 -13.63 20.63 -8.58
N TYR A 263 -13.31 19.60 -9.39
CA TYR A 263 -11.94 19.26 -9.75
C TYR A 263 -11.59 19.84 -11.12
N ALA A 264 -10.65 20.81 -11.20
CA ALA A 264 -10.31 21.37 -12.51
C ALA A 264 -9.18 20.60 -13.17
N ASN A 265 -8.59 19.63 -12.46
CA ASN A 265 -7.60 18.77 -13.03
C ASN A 265 -7.82 17.37 -12.43
N LEU A 266 -7.52 16.35 -13.23
CA LEU A 266 -7.87 15.00 -12.84
C LEU A 266 -6.83 14.44 -11.86
N GLU A 267 -5.58 14.92 -11.97
CA GLU A 267 -4.52 14.39 -11.16
C GLU A 267 -4.88 14.58 -9.69
N THR A 268 -5.40 15.77 -9.32
CA THR A 268 -5.70 16.07 -7.94
C THR A 268 -6.71 15.09 -7.39
N LEU A 269 -7.79 14.78 -8.13
CA LEU A 269 -8.78 13.84 -7.65
C LEU A 269 -8.14 12.47 -7.38
N ILE A 270 -7.31 12.00 -8.32
CA ILE A 270 -6.66 10.68 -8.23
C ILE A 270 -5.74 10.70 -7.02
N ASP A 271 -5.00 11.81 -6.85
CA ASP A 271 -4.18 12.00 -5.62
C ASP A 271 -5.03 11.85 -4.36
N GLU A 272 -6.16 12.59 -4.31
CA GLU A 272 -7.00 12.58 -3.16
C GLU A 272 -7.53 11.18 -2.83
N VAL A 273 -7.97 10.45 -3.83
CA VAL A 273 -8.40 9.08 -3.62
C VAL A 273 -7.27 8.27 -2.98
N LEU A 274 -6.02 8.41 -3.47
CA LEU A 274 -4.94 7.67 -2.89
C LEU A 274 -4.56 8.11 -1.50
N LEU A 275 -4.68 9.43 -1.20
CA LEU A 275 -4.37 9.92 0.13
C LEU A 275 -5.43 9.49 1.13
N ILE A 276 -6.67 9.52 0.69
CA ILE A 276 -7.75 9.19 1.61
C ILE A 276 -7.80 7.65 1.80
N CYS A 277 -7.49 6.88 0.78
CA CYS A 277 -7.35 5.43 0.91
C CYS A 277 -6.34 5.13 2.01
N GLY A 278 -5.16 5.75 1.89
CA GLY A 278 -4.05 5.51 2.80
C GLY A 278 -4.33 6.00 4.23
N SER A 279 -5.15 7.04 4.39
CA SER A 279 -5.42 7.67 5.68
C SER A 279 -6.20 6.67 6.55
N SER A 280 -7.21 6.03 5.99
CA SER A 280 -7.99 5.06 6.77
C SER A 280 -7.13 3.85 7.15
N ILE A 281 -6.28 3.37 6.20
CA ILE A 281 -5.54 2.17 6.38
C ILE A 281 -4.42 2.44 7.34
N ARG A 282 -3.77 3.65 7.27
CA ARG A 282 -2.73 3.95 8.22
C ARG A 282 -3.27 3.84 9.64
N LEU A 283 -4.41 4.43 9.86
CA LEU A 283 -4.96 4.45 11.21
C LEU A 283 -5.26 3.02 11.72
N ALA A 284 -5.90 2.18 10.89
CA ALA A 284 -6.19 0.79 11.25
C ALA A 284 -4.91 -0.01 11.49
N ASN A 285 -3.91 0.11 10.62
CA ASN A 285 -2.64 -0.55 10.84
C ASN A 285 -2.03 -0.11 12.17
N ASP A 286 -2.07 1.21 12.44
CA ASP A 286 -1.49 1.80 13.65
C ASP A 286 -2.08 1.21 14.95
N ILE A 287 -3.37 0.96 14.94
CA ILE A 287 -4.02 0.34 16.08
C ILE A 287 -3.47 -1.07 16.27
N ARG A 288 -3.43 -1.86 15.17
CA ARG A 288 -2.88 -3.20 15.19
C ARG A 288 -1.42 -3.20 15.69
N SER A 289 -0.53 -2.40 15.09
CA SER A 289 0.84 -2.33 15.55
C SER A 289 0.95 -2.01 17.03
N PHE A 290 0.18 -1.04 17.52
CA PHE A 290 0.29 -0.61 18.91
C PHE A 290 -0.13 -1.75 19.86
N GLU A 291 -1.33 -2.31 19.65
CA GLU A 291 -1.82 -3.52 20.30
C GLU A 291 -0.79 -4.66 20.37
N ARG A 292 -0.01 -4.90 19.31
CA ARG A 292 0.98 -5.97 19.34
C ARG A 292 2.23 -5.51 20.11
N GLU A 293 2.57 -4.21 20.18
CA GLU A 293 3.76 -3.83 20.95
C GLU A 293 3.53 -2.47 21.63
N PRO A 294 2.67 -2.36 22.68
CA PRO A 294 2.30 -1.03 23.18
C PRO A 294 3.47 -0.23 23.71
N GLN A 295 4.54 -0.96 24.07
CA GLN A 295 5.67 -0.32 24.70
C GLN A 295 6.59 0.27 23.64
N ALA A 296 6.24 0.12 22.34
CA ALA A 296 7.13 0.61 21.30
C ALA A 296 7.12 2.12 21.37
N TYR A 297 8.26 2.72 21.03
CA TYR A 297 8.41 4.17 21.05
C TYR A 297 8.22 4.84 19.68
N GLN A 298 8.20 4.04 18.60
CA GLN A 298 8.24 4.59 17.23
C GLN A 298 6.99 5.43 17.01
N PRO A 299 7.06 6.62 16.40
CA PRO A 299 5.87 7.38 16.03
C PRO A 299 4.81 6.46 15.48
N ASN A 300 3.64 6.56 16.13
CA ASN A 300 2.42 5.78 15.88
C ASN A 300 1.23 6.60 16.34
N SER A 301 0.14 6.65 15.55
CA SER A 301 -0.93 7.63 15.81
C SER A 301 -1.58 7.41 17.16
N LEU A 302 -1.81 6.13 17.57
CA LEU A 302 -2.30 5.84 18.92
C LEU A 302 -1.32 6.36 19.96
N LEU A 303 -0.07 5.93 19.88
CA LEU A 303 0.93 6.41 20.82
C LEU A 303 0.95 7.95 20.83
N ILE A 304 0.85 8.59 19.66
CA ILE A 304 0.97 10.04 19.62
C ILE A 304 -0.17 10.68 20.42
N LEU A 305 -1.35 10.09 20.35
CA LEU A 305 -2.52 10.69 20.99
C LEU A 305 -2.39 10.59 22.52
N MET A 306 -1.84 9.45 22.98
CA MET A 306 -1.53 9.21 24.39
C MET A 306 -0.43 10.14 24.89
N LEU A 307 0.67 10.24 24.14
CA LEU A 307 1.82 11.00 24.60
C LEU A 307 1.60 12.50 24.42
N THR A 308 0.84 12.90 23.41
CA THR A 308 0.86 14.33 23.08
C THR A 308 -0.47 15.00 23.41
N GLN A 309 -1.51 14.23 23.72
CA GLN A 309 -2.84 14.78 23.89
C GLN A 309 -3.52 14.24 25.15
N GLY A 310 -2.76 13.45 25.92
CA GLY A 310 -3.16 12.94 27.23
C GLY A 310 -4.23 11.85 27.22
N CYS A 311 -4.45 11.14 26.10
CA CYS A 311 -5.49 10.12 26.04
C CYS A 311 -5.09 8.84 26.76
N SER A 312 -6.05 8.13 27.34
CA SER A 312 -5.81 6.74 27.67
C SER A 312 -5.72 5.98 26.36
N GLN A 313 -5.22 4.74 26.41
CA GLN A 313 -5.28 3.84 25.27
C GLN A 313 -6.73 3.74 24.76
N LYS A 314 -7.76 3.62 25.62
CA LYS A 314 -9.11 3.40 25.12
C LYS A 314 -9.64 4.69 24.51
N GLU A 315 -9.29 5.85 25.10
CA GLU A 315 -9.71 7.10 24.51
C GLU A 315 -9.10 7.27 23.12
N ALA A 316 -7.75 7.19 23.05
CA ALA A 316 -6.97 7.13 21.82
C ALA A 316 -7.60 6.25 20.74
N GLU A 317 -7.90 4.99 21.08
CA GLU A 317 -8.39 4.04 20.12
C GLU A 317 -9.75 4.49 19.62
N ALA A 318 -10.53 5.10 20.50
CA ALA A 318 -11.88 5.50 20.12
C ALA A 318 -11.83 6.71 19.17
N ILE A 319 -10.89 7.64 19.34
CA ILE A 319 -10.73 8.74 18.36
C ILE A 319 -10.29 8.17 17.00
N LEU A 320 -9.29 7.29 16.96
CA LEU A 320 -8.86 6.68 15.69
C LEU A 320 -10.00 5.96 14.99
N LEU A 321 -10.85 5.28 15.76
CA LEU A 321 -11.89 4.47 15.15
C LEU A 321 -12.88 5.36 14.41
N LYS A 322 -13.20 6.53 14.98
CA LYS A 322 -14.11 7.47 14.31
C LYS A 322 -13.47 8.12 13.09
N GLU A 323 -12.16 8.45 13.21
CA GLU A 323 -11.45 9.03 12.05
C GLU A 323 -11.51 8.04 10.88
N ILE A 324 -11.34 6.75 11.25
CA ILE A 324 -11.38 5.69 10.25
C ILE A 324 -12.68 5.69 9.50
N ASP A 325 -13.75 5.75 10.27
CA ASP A 325 -15.07 5.87 9.74
C ASP A 325 -15.26 7.07 8.83
N THR A 326 -14.78 8.24 9.26
CA THR A 326 -14.91 9.40 8.43
C THR A 326 -14.20 9.22 7.07
N TYR A 327 -12.98 8.70 7.13
CA TYR A 327 -12.19 8.54 5.90
C TYR A 327 -12.78 7.47 4.99
N LEU A 328 -13.45 6.44 5.58
CA LEU A 328 -14.20 5.53 4.73
C LEU A 328 -15.37 6.26 4.07
N GLN A 329 -16.03 7.20 4.80
CA GLN A 329 -17.07 7.99 4.18
C GLN A 329 -16.56 8.90 3.08
N LYS A 330 -15.44 9.54 3.35
CA LYS A 330 -14.85 10.40 2.33
C LYS A 330 -14.43 9.64 1.06
N ILE A 331 -13.90 8.39 1.18
CA ILE A 331 -13.45 7.77 -0.05
C ILE A 331 -14.68 7.39 -0.88
N GLU A 332 -15.79 7.09 -0.22
CA GLU A 332 -17.00 6.85 -1.01
C GLU A 332 -17.40 8.07 -1.82
N THR A 333 -17.41 9.24 -1.18
CA THR A 333 -17.72 10.49 -1.87
C THR A 333 -16.79 10.71 -3.04
N LEU A 334 -15.48 10.61 -2.79
CA LEU A 334 -14.51 10.89 -3.85
C LEU A 334 -14.69 9.94 -5.03
N ILE A 335 -14.81 8.62 -4.78
CA ILE A 335 -14.86 7.70 -5.92
C ILE A 335 -16.12 7.94 -6.77
N SER A 336 -17.19 8.47 -6.13
CA SER A 336 -18.44 8.79 -6.84
C SER A 336 -18.24 9.92 -7.86
N LEU A 337 -17.15 10.74 -7.68
CA LEU A 337 -16.81 11.89 -8.50
C LEU A 337 -15.90 11.53 -9.69
N LEU A 338 -15.41 10.29 -9.73
CA LEU A 338 -14.50 9.93 -10.81
C LEU A 338 -15.22 9.93 -12.16
N PRO A 339 -14.56 10.32 -13.26
CA PRO A 339 -14.98 9.99 -14.61
C PRO A 339 -15.33 8.51 -14.71
N SER A 340 -16.41 8.17 -15.44
CA SER A 340 -16.79 6.78 -15.62
C SER A 340 -15.64 5.90 -16.16
N SER A 341 -14.67 6.44 -16.90
CA SER A 341 -13.60 5.58 -17.35
C SER A 341 -12.61 5.22 -16.21
N LEU A 342 -12.72 5.84 -15.02
CA LEU A 342 -11.94 5.42 -13.84
C LEU A 342 -12.83 4.79 -12.75
N SER A 343 -14.11 4.47 -13.00
CA SER A 343 -14.90 4.17 -11.81
C SER A 343 -14.54 2.78 -11.25
N THR A 344 -14.14 1.89 -12.15
CA THR A 344 -13.66 0.55 -11.84
C THR A 344 -12.35 0.61 -11.05
N TRP A 345 -11.39 1.47 -11.43
CA TRP A 345 -10.25 1.71 -10.56
C TRP A 345 -10.71 2.21 -9.17
N GLY A 346 -11.67 3.15 -9.17
CA GLY A 346 -12.08 3.79 -7.91
C GLY A 346 -12.66 2.78 -6.92
N ASP A 347 -13.41 1.89 -7.50
CA ASP A 347 -14.05 0.86 -6.72
C ASP A 347 -12.99 -0.04 -6.09
N SER A 348 -11.86 -0.31 -6.76
CA SER A 348 -10.81 -1.09 -6.10
C SER A 348 -10.29 -0.34 -4.90
N ALA A 349 -10.05 0.97 -5.00
CA ALA A 349 -9.50 1.76 -3.92
C ALA A 349 -10.46 1.83 -2.72
N ARG A 350 -11.74 1.86 -3.03
CA ARG A 350 -12.78 1.84 -2.00
C ARG A 350 -12.79 0.50 -1.26
N ARG A 351 -12.72 -0.56 -2.06
CA ARG A 351 -12.72 -1.92 -1.49
C ARG A 351 -11.48 -2.13 -0.67
N MET A 352 -10.32 -1.72 -1.19
CA MET A 352 -9.11 -1.90 -0.45
C MET A 352 -9.21 -1.24 0.91
N SER A 353 -9.73 0.01 1.00
CA SER A 353 -9.73 0.67 2.29
C SER A 353 -10.70 0.04 3.32
N TRP A 354 -11.84 -0.28 2.79
CA TRP A 354 -12.88 -0.92 3.61
C TRP A 354 -12.39 -2.26 4.19
N PHE A 355 -11.76 -3.07 3.29
CA PHE A 355 -11.33 -4.40 3.72
C PHE A 355 -10.15 -4.30 4.66
N ALA A 356 -9.18 -3.43 4.34
CA ALA A 356 -8.01 -3.31 5.16
C ALA A 356 -8.40 -2.82 6.54
N CYS A 357 -9.42 -1.96 6.65
CA CYS A 357 -9.89 -1.47 7.93
C CYS A 357 -10.97 -2.31 8.61
N THR A 358 -11.76 -3.10 7.88
CA THR A 358 -12.92 -3.74 8.50
C THR A 358 -12.92 -5.25 8.36
N TRP A 359 -12.16 -5.84 7.44
CA TRP A 359 -12.47 -7.22 7.08
C TRP A 359 -11.27 -8.09 7.39
N TYR A 360 -10.06 -7.65 7.04
CA TYR A 360 -8.94 -8.55 6.98
C TYR A 360 -8.44 -9.02 8.36
N GLN A 361 -8.87 -8.38 9.44
CA GLN A 361 -8.40 -8.72 10.79
C GLN A 361 -9.44 -9.59 11.50
N THR A 362 -10.55 -9.85 10.83
CA THR A 362 -11.63 -10.63 11.42
C THR A 362 -11.29 -12.12 11.27
N ARG A 363 -11.90 -12.90 12.18
CA ARG A 363 -11.99 -14.36 12.08
C ARG A 363 -12.66 -14.76 10.77
N ASP A 364 -13.73 -14.05 10.36
CA ASP A 364 -14.37 -14.33 9.08
C ASP A 364 -13.34 -14.41 7.96
N PHE A 365 -12.42 -13.43 7.94
CA PHE A 365 -11.46 -13.35 6.83
C PHE A 365 -10.43 -14.43 7.06
N HIS A 366 -9.97 -14.54 8.31
CA HIS A 366 -9.07 -15.61 8.71
C HIS A 366 -9.57 -16.96 8.22
N ASN A 367 -10.86 -17.22 8.43
CA ASN A 367 -11.49 -18.46 7.98
C ASN A 367 -11.50 -18.63 6.45
N PHE A 368 -11.73 -17.55 5.71
CA PHE A 368 -11.79 -17.59 4.27
C PHE A 368 -10.39 -17.94 3.79
N ASN A 369 -9.40 -17.33 4.44
CA ASN A 369 -8.00 -17.62 4.18
C ASN A 369 -7.72 -19.10 4.38
N LYS A 370 -8.27 -19.64 5.46
CA LYS A 370 -8.10 -21.05 5.77
C LYS A 370 -8.76 -21.90 4.70
N GLN A 371 -9.88 -21.46 4.15
CA GLN A 371 -10.49 -22.15 3.02
C GLN A 371 -9.63 -22.09 1.77
N MET A 372 -8.91 -21.00 1.58
CA MET A 372 -8.06 -21.02 0.42
C MET A 372 -6.92 -22.01 0.59
N LEU A 373 -6.34 -22.06 1.80
CA LEU A 373 -5.19 -22.87 2.05
C LEU A 373 -5.58 -24.35 1.93
N ALA A 374 -6.80 -24.68 2.38
CA ALA A 374 -7.33 -26.03 2.28
C ALA A 374 -7.47 -26.42 0.82
N ALA A 375 -7.82 -25.46 -0.01
CA ALA A 375 -8.08 -25.73 -1.40
C ALA A 375 -6.78 -25.88 -2.18
N LEU A 376 -5.73 -25.24 -1.67
CA LEU A 376 -4.41 -25.30 -2.29
C LEU A 376 -3.78 -26.67 -2.05
N ARG A 377 -4.26 -27.51 -1.12
CA ARG A 377 -3.65 -28.84 -1.03
C ARG A 377 -4.49 -29.89 -1.80
S SO4 B . -1.01 -17.51 3.42
O1 SO4 B . -0.24 -16.26 3.39
O2 SO4 B . -2.46 -17.21 3.32
O3 SO4 B . -0.51 -18.28 2.24
O4 SO4 B . -0.76 -18.25 4.68
#